data_2W3I
#
_entry.id   2W3I
#
_cell.length_a   56.298
_cell.length_b   72.688
_cell.length_c   77.685
_cell.angle_alpha   90.00
_cell.angle_beta   90.00
_cell.angle_gamma   90.00
#
_symmetry.space_group_name_H-M   'P 21 21 21'
#
loop_
_entity.id
_entity.type
_entity.pdbx_description
1 polymer 'COAGULATION FACTOR X, HEAVY CHAIN'
2 polymer 'COAGULATION FACTOR X, LIGHT CHAIN'
3 non-polymer 'CALCIUM ION'
4 non-polymer "(2R,4S)-N^1^-(4-chlorophenyl)-4-(2,4-difluorophenyl)-4-hydroxy-N^2^-(2-oxo-2H-1,3'-bipyridin-6'-yl)pyrrolidine-1,2-dicarboxamide"
5 water water
#
loop_
_entity_poly.entity_id
_entity_poly.type
_entity_poly.pdbx_seq_one_letter_code
_entity_poly.pdbx_strand_id
1 'polypeptide(L)'
;IVGGQECKDGECPWQALLINEENEGFCGGTILSEFYILTAAHCLYQAKRFKVRVGDRNTEQEEGGEAVHEVEVVIKHNRF
TKETYDFDIAVLRLKTPITFRMNVAPACLPERDWAESTLMTQKTGIVSGFGRTHEKGRQSTRLKMLEVPYVDRNSCKLSS
SFIITQNMFCAGYDTKQEDACQGDSGGPHVTRFKDTYFVTGIVSWGEGCARKGKYGIYTKVTAFLKWIDRSMKT
;
A
2 'polypeptide(L)' LCSLDNGDCDQFCHEEQNSVVCSCARGYTLADNGKACIPTGPYPCGKQTLE B
#
loop_
_chem_comp.id
_chem_comp.type
_chem_comp.name
_chem_comp.formula
CA non-polymer 'CALCIUM ION' 'Ca 2'
L1C non-polymer (2R,4S)-N^1^-(4-chlorophenyl)-4-(2,4-difluorophenyl)-4-hydroxy-N^2^-(2-oxo-2H-1,3'-bipyridin-6'-yl)pyrrolidine-1,2-dicarboxamide 'C28 H22 Cl F2 N5 O4'
#
# COMPACT_ATOMS: atom_id res chain seq x y z
N ILE A 1 7.08 5.33 -10.79
CA ILE A 1 7.37 3.90 -11.09
C ILE A 1 8.22 3.78 -12.35
N VAL A 2 9.39 3.19 -12.20
CA VAL A 2 10.32 2.95 -13.30
C VAL A 2 10.01 1.57 -13.87
N GLY A 3 9.71 1.52 -15.17
CA GLY A 3 9.24 0.29 -15.77
C GLY A 3 7.82 0.00 -15.33
N GLY A 4 7.52 -1.27 -15.10
CA GLY A 4 6.17 -1.67 -14.78
C GLY A 4 5.22 -1.48 -15.94
N GLN A 5 3.95 -1.37 -15.62
CA GLN A 5 2.90 -1.21 -16.61
C GLN A 5 1.88 -0.17 -16.11
N GLU A 6 1.07 0.33 -17.04
CA GLU A 6 -0.06 1.23 -16.71
C GLU A 6 -1.08 0.45 -15.87
N CYS A 7 -1.66 1.04 -14.83
CA CYS A 7 -2.85 0.43 -14.21
C CYS A 7 -4.00 0.59 -15.20
N LYS A 8 -4.57 -0.54 -15.62
CA LYS A 8 -5.74 -0.52 -16.48
C LYS A 8 -6.98 -0.30 -15.61
N ASP A 9 -8.12 -0.12 -16.27
CA ASP A 9 -9.35 0.26 -15.58
C ASP A 9 -9.68 -0.72 -14.45
N GLY A 10 -9.81 -0.19 -13.24
CA GLY A 10 -10.15 -0.99 -12.07
C GLY A 10 -9.04 -1.78 -11.40
N GLU A 11 -7.82 -1.74 -11.94
CA GLU A 11 -6.73 -2.58 -11.42
C GLU A 11 -6.07 -2.14 -10.11
N CYS A 12 -6.12 -0.84 -9.81
CA CYS A 12 -5.41 -0.26 -8.68
C CYS A 12 -6.34 0.69 -7.92
N PRO A 13 -7.53 0.20 -7.47
CA PRO A 13 -8.55 1.11 -6.96
C PRO A 13 -8.29 1.74 -5.59
N TRP A 14 -7.30 1.20 -4.87
CA TRP A 14 -6.90 1.68 -3.53
C TRP A 14 -5.86 2.79 -3.60
N GLN A 15 -5.40 3.15 -4.80
CA GLN A 15 -4.42 4.21 -4.96
C GLN A 15 -5.08 5.56 -4.66
N ALA A 16 -4.46 6.30 -3.77
CA ALA A 16 -4.79 7.69 -3.49
C ALA A 16 -3.59 8.56 -3.89
N LEU A 17 -3.85 9.83 -4.17
CA LEU A 17 -2.83 10.79 -4.58
C LEU A 17 -2.98 12.04 -3.72
N LEU A 18 -1.91 12.42 -3.02
CA LEU A 18 -1.91 13.64 -2.23
C LEU A 18 -1.52 14.78 -3.15
N ILE A 19 -2.35 15.82 -3.19
CA ILE A 19 -2.13 16.95 -4.10
C ILE A 19 -1.99 18.25 -3.33
N ASN A 20 -1.05 19.08 -3.78
CA ASN A 20 -0.77 20.36 -3.14
C ASN A 20 -1.79 21.43 -3.53
N GLU A 21 -1.64 22.62 -2.96
CA GLU A 21 -2.51 23.76 -3.31
C GLU A 21 -2.52 24.09 -4.81
N GLU A 22 -1.50 23.65 -5.54
CA GLU A 22 -1.48 23.77 -7.01
C GLU A 22 -2.17 22.59 -7.71
N ASN A 23 -2.82 21.71 -6.94
CA ASN A 23 -3.45 20.51 -7.47
C ASN A 23 -2.45 19.60 -8.18
N GLU A 24 -1.24 19.52 -7.62
CA GLU A 24 -0.16 18.74 -8.19
C GLU A 24 0.16 17.60 -7.24
N GLY A 25 0.21 16.37 -7.77
CA GLY A 25 0.56 15.20 -6.98
C GLY A 25 2.01 15.19 -6.55
N PHE A 26 2.24 15.01 -5.25
CA PHE A 26 3.60 14.91 -4.70
C PHE A 26 3.87 13.60 -3.93
N CYS A 27 2.82 12.94 -3.45
CA CYS A 27 2.96 11.66 -2.76
C CYS A 27 1.74 10.79 -3.04
N GLY A 28 1.88 9.51 -2.71
CA GLY A 28 0.79 8.56 -2.81
C GLY A 28 0.15 8.28 -1.46
N GLY A 29 -0.88 7.45 -1.52
CA GLY A 29 -1.58 6.98 -0.35
C GLY A 29 -2.32 5.71 -0.69
N THR A 30 -2.78 5.04 0.37
CA THR A 30 -3.61 3.85 0.23
C THR A 30 -4.96 4.06 0.92
N ILE A 31 -6.04 3.77 0.19
CA ILE A 31 -7.41 3.77 0.75
C ILE A 31 -7.57 2.58 1.70
N LEU A 32 -7.87 2.86 2.97
CA LEU A 32 -8.15 1.81 3.98
C LEU A 32 -9.63 1.67 4.27
N SER A 33 -10.38 2.76 4.15
CA SER A 33 -11.80 2.75 4.39
C SER A 33 -12.38 4.01 3.78
N GLU A 34 -13.68 4.22 3.95
CA GLU A 34 -14.33 5.41 3.40
C GLU A 34 -13.81 6.70 4.00
N PHE A 35 -13.32 6.65 5.25
CA PHE A 35 -12.77 7.84 5.91
C PHE A 35 -11.23 7.92 6.05
N TYR A 36 -10.51 6.85 5.78
CA TYR A 36 -9.09 6.78 6.15
C TYR A 36 -8.13 6.42 5.01
N ILE A 37 -7.01 7.15 4.96
CA ILE A 37 -5.96 6.96 3.97
C ILE A 37 -4.65 6.64 4.71
N LEU A 38 -3.90 5.66 4.22
CA LEU A 38 -2.56 5.33 4.72
C LEU A 38 -1.52 6.03 3.85
N THR A 39 -0.54 6.67 4.47
CA THR A 39 0.55 7.32 3.72
C THR A 39 1.85 7.30 4.55
N ALA A 40 2.89 7.98 4.08
CA ALA A 40 4.16 8.07 4.81
C ALA A 40 4.23 9.34 5.62
N ALA A 41 4.77 9.25 6.83
CA ALA A 41 5.00 10.43 7.66
C ALA A 41 5.83 11.51 6.95
N HIS A 42 6.83 11.09 6.18
CA HIS A 42 7.74 12.05 5.51
C HIS A 42 7.05 12.85 4.38
N CYS A 43 5.95 12.33 3.85
CA CYS A 43 5.15 13.10 2.89
C CYS A 43 4.51 14.34 3.50
N LEU A 44 4.31 14.34 4.82
CA LEU A 44 3.63 15.44 5.51
C LEU A 44 4.47 16.71 5.60
N TYR A 45 5.77 16.58 5.34
CA TYR A 45 6.67 17.73 5.29
C TYR A 45 6.79 18.33 3.89
N GLN A 46 6.23 17.65 2.87
CA GLN A 46 6.38 18.05 1.47
C GLN A 46 5.29 19.01 0.95
N ALA A 47 4.38 19.44 1.84
CA ALA A 47 3.30 20.35 1.44
C ALA A 47 2.65 21.01 2.67
N LYS A 48 2.58 22.35 2.65
CA LYS A 48 1.97 23.11 3.73
C LYS A 48 0.53 22.63 3.96
N ARG A 49 -0.28 22.69 2.92
CA ARG A 49 -1.64 22.17 2.96
C ARG A 49 -1.85 21.28 1.73
N PHE A 50 -2.64 20.22 1.89
CA PHE A 50 -2.88 19.28 0.80
C PHE A 50 -4.24 18.59 0.87
N LYS A 51 -4.69 18.05 -0.26
CA LYS A 51 -5.91 17.27 -0.33
C LYS A 51 -5.61 15.88 -0.91
N VAL A 52 -6.61 15.02 -0.93
CA VAL A 52 -6.46 13.67 -1.43
C VAL A 52 -7.40 13.45 -2.60
N ARG A 53 -6.84 12.97 -3.72
CA ARG A 53 -7.64 12.60 -4.88
C ARG A 53 -7.72 11.08 -5.03
N VAL A 54 -8.95 10.58 -5.16
CA VAL A 54 -9.16 9.18 -5.47
C VAL A 54 -9.83 9.01 -6.83
N GLY A 55 -9.65 7.82 -7.41
CA GLY A 55 -10.26 7.46 -8.70
C GLY A 55 -9.54 7.97 -9.94
N ASP A 56 -8.38 8.60 -9.76
CA ASP A 56 -7.59 9.11 -10.88
C ASP A 56 -6.66 8.04 -11.46
N ARG A 57 -6.58 8.00 -12.78
CA ARG A 57 -5.58 7.18 -13.48
C ARG A 57 -4.75 7.98 -14.49
N ASN A 58 -5.27 9.13 -14.90
CA ASN A 58 -4.60 10.02 -15.86
C ASN A 58 -4.80 11.47 -15.43
N THR A 59 -3.76 12.08 -14.88
CA THR A 59 -3.87 13.42 -14.28
C THR A 59 -4.03 14.58 -15.28
N GLU A 60 -3.72 14.33 -16.56
CA GLU A 60 -3.79 15.37 -17.58
C GLU A 60 -5.21 15.87 -17.79
N GLN A 61 -6.18 14.96 -17.69
CA GLN A 61 -7.57 15.27 -18.02
C GLN A 61 -8.51 14.80 -16.91
N GLU A 62 -9.59 15.54 -16.71
CA GLU A 62 -10.61 15.18 -15.74
C GLU A 62 -11.69 14.37 -16.47
N GLU A 63 -11.75 13.07 -16.20
CA GLU A 63 -12.67 12.18 -16.92
C GLU A 63 -14.08 12.12 -16.35
N GLY A 64 -14.21 12.25 -15.02
CA GLY A 64 -15.52 12.15 -14.36
C GLY A 64 -15.55 11.28 -13.14
N GLY A 65 -14.73 10.22 -13.12
CA GLY A 65 -14.70 9.28 -12.00
C GLY A 65 -13.85 9.70 -10.81
N GLU A 66 -13.09 10.78 -10.97
CA GLU A 66 -12.20 11.27 -9.91
C GLU A 66 -13.00 11.99 -8.84
N ALA A 67 -12.47 12.05 -7.64
CA ALA A 67 -13.07 12.82 -6.54
C ALA A 67 -11.98 13.29 -5.59
N VAL A 68 -12.12 14.52 -5.09
CA VAL A 68 -11.14 15.13 -4.21
C VAL A 68 -11.76 15.28 -2.82
N HIS A 69 -10.96 14.97 -1.80
CA HIS A 69 -11.41 14.98 -0.42
C HIS A 69 -10.44 15.78 0.43
N GLU A 70 -10.98 16.68 1.24
CA GLU A 70 -10.16 17.43 2.19
C GLU A 70 -9.85 16.59 3.43
N VAL A 71 -8.75 16.92 4.08
CA VAL A 71 -8.24 16.16 5.22
C VAL A 71 -8.71 16.79 6.53
N GLU A 72 -9.37 16.01 7.38
CA GLU A 72 -9.84 16.47 8.69
C GLU A 72 -8.77 16.37 9.77
N VAL A 73 -8.17 15.19 9.92
CA VAL A 73 -7.16 14.95 10.96
C VAL A 73 -5.95 14.26 10.33
N VAL A 74 -4.75 14.73 10.64
CA VAL A 74 -3.53 14.06 10.19
C VAL A 74 -2.88 13.39 11.40
N ILE A 75 -2.62 12.09 11.30
CA ILE A 75 -2.06 11.31 12.41
C ILE A 75 -0.70 10.77 11.99
N LYS A 76 0.36 11.47 12.38
CA LYS A 76 1.73 11.11 12.02
C LYS A 76 2.38 10.36 13.17
N HIS A 77 3.07 9.26 12.89
CA HIS A 77 3.69 8.46 13.95
C HIS A 77 4.72 9.31 14.68
N ASN A 78 4.57 9.41 16.00
CA ASN A 78 5.37 10.35 16.79
C ASN A 78 6.85 10.00 16.93
N ARG A 79 7.28 8.89 16.35
CA ARG A 79 8.68 8.46 16.38
C ARG A 79 9.38 8.60 15.03
N PHE A 80 8.67 9.07 14.00
CA PHE A 80 9.34 9.35 12.74
C PHE A 80 10.37 10.45 12.93
N THR A 81 11.53 10.29 12.28
CA THR A 81 12.51 11.36 12.12
C THR A 81 13.16 11.25 10.75
N LYS A 82 13.44 12.41 10.15
CA LYS A 82 14.22 12.50 8.91
C LYS A 82 15.63 11.88 9.03
N GLU A 83 16.14 11.79 10.26
CA GLU A 83 17.49 11.26 10.50
C GLU A 83 17.60 9.80 10.09
N THR A 84 16.58 9.02 10.43
CA THR A 84 16.61 7.57 10.22
C THR A 84 15.61 7.09 9.17
N TYR A 85 14.56 7.88 8.94
CA TYR A 85 13.38 7.45 8.18
C TYR A 85 12.70 6.21 8.77
N ASP A 86 12.91 5.99 10.07
CA ASP A 86 12.25 4.91 10.78
C ASP A 86 10.86 5.42 11.14
N PHE A 87 9.92 4.48 11.27
CA PHE A 87 8.53 4.78 11.62
C PHE A 87 7.88 5.69 10.57
N ASP A 88 8.10 5.37 9.30
CA ASP A 88 7.66 6.23 8.22
C ASP A 88 6.21 5.90 7.89
N ILE A 89 5.29 6.43 8.70
CA ILE A 89 3.88 6.07 8.61
C ILE A 89 2.97 7.19 9.12
N ALA A 90 1.90 7.43 8.39
CA ALA A 90 0.84 8.32 8.82
C ALA A 90 -0.52 7.80 8.35
N VAL A 91 -1.57 8.21 9.05
CA VAL A 91 -2.95 7.92 8.66
C VAL A 91 -3.71 9.24 8.57
N LEU A 92 -4.52 9.40 7.53
CA LEU A 92 -5.34 10.61 7.36
C LEU A 92 -6.82 10.30 7.52
N ARG A 93 -7.49 11.06 8.40
CA ARG A 93 -8.96 11.06 8.47
C ARG A 93 -9.53 12.14 7.54
N LEU A 94 -10.37 11.74 6.58
CA LEU A 94 -10.96 12.68 5.62
C LEU A 94 -12.24 13.31 6.14
N LYS A 95 -12.52 14.53 5.67
CA LYS A 95 -13.69 15.31 6.10
C LYS A 95 -15.01 14.74 5.57
N THR A 96 -14.97 14.15 4.38
CA THR A 96 -16.14 13.54 3.75
C THR A 96 -15.76 12.10 3.32
N PRO A 97 -16.71 11.16 3.37
CA PRO A 97 -16.46 9.77 2.99
C PRO A 97 -16.26 9.51 1.49
N ILE A 98 -15.31 8.63 1.19
CA ILE A 98 -15.09 8.18 -0.18
C ILE A 98 -16.28 7.36 -0.69
N THR A 99 -16.73 7.66 -1.91
CA THR A 99 -17.71 6.81 -2.58
C THR A 99 -17.00 5.75 -3.39
N PHE A 100 -17.14 4.50 -2.99
CA PHE A 100 -16.48 3.44 -3.73
C PHE A 100 -17.18 3.27 -5.08
N ARG A 101 -16.38 3.03 -6.11
CA ARG A 101 -16.89 2.90 -7.46
C ARG A 101 -15.78 2.27 -8.28
N MET A 102 -15.95 2.24 -9.59
CA MET A 102 -14.88 1.83 -10.49
C MET A 102 -13.65 2.68 -10.19
N ASN A 103 -12.52 2.02 -9.98
CA ASN A 103 -11.23 2.68 -9.66
C ASN A 103 -11.15 3.31 -8.25
N VAL A 104 -12.17 3.08 -7.42
CA VAL A 104 -12.19 3.57 -6.03
C VAL A 104 -12.69 2.48 -5.07
N ALA A 105 -11.76 1.89 -4.33
CA ALA A 105 -12.07 0.84 -3.38
C ALA A 105 -10.89 0.66 -2.43
N PRO A 106 -11.16 0.19 -1.21
CA PRO A 106 -10.04 0.03 -0.29
C PRO A 106 -9.23 -1.28 -0.47
N ALA A 107 -7.97 -1.29 -0.06
CA ALA A 107 -7.22 -2.55 0.06
C ALA A 107 -7.48 -3.12 1.45
N CYS A 108 -7.35 -4.43 1.62
CA CYS A 108 -7.61 -5.05 2.94
C CYS A 108 -6.40 -4.90 3.88
N LEU A 109 -6.68 -4.55 5.14
CA LEU A 109 -5.67 -4.64 6.20
C LEU A 109 -5.63 -6.08 6.72
N PRO A 110 -4.47 -6.76 6.65
CA PRO A 110 -4.39 -8.14 7.11
C PRO A 110 -4.14 -8.22 8.61
N GLU A 111 -4.19 -9.43 9.17
CA GLU A 111 -3.77 -9.67 10.57
C GLU A 111 -2.26 -9.90 10.61
N ARG A 112 -1.61 -9.48 11.69
CA ARG A 112 -0.13 -9.49 11.72
C ARG A 112 0.54 -10.84 11.44
N ASP A 113 0.26 -11.86 12.25
CA ASP A 113 0.96 -13.16 12.11
C ASP A 113 0.72 -13.83 10.77
N TRP A 114 -0.54 -13.83 10.35
CA TRP A 114 -0.90 -14.40 9.06
C TRP A 114 -0.20 -13.66 7.91
N ALA A 115 -0.16 -12.34 7.98
CA ALA A 115 0.52 -11.51 7.00
C ALA A 115 2.00 -11.86 6.90
N GLU A 116 2.67 -11.93 8.05
CA GLU A 116 4.10 -12.26 8.07
C GLU A 116 4.41 -13.67 7.56
N SER A 117 3.58 -14.65 7.90
CA SER A 117 3.82 -16.02 7.47
C SER A 117 3.31 -16.31 6.04
N THR A 118 2.29 -15.60 5.61
CA THR A 118 1.58 -15.92 4.36
C THR A 118 1.73 -14.89 3.24
N LEU A 119 1.69 -13.61 3.56
CA LEU A 119 1.81 -12.56 2.53
C LEU A 119 3.27 -12.21 2.22
N MET A 120 4.06 -12.03 3.27
CA MET A 120 5.43 -11.55 3.11
C MET A 120 6.41 -12.64 2.69
N THR A 121 5.97 -13.89 2.78
CA THR A 121 6.73 -15.03 2.27
C THR A 121 6.36 -15.32 0.82
N GLN A 122 5.43 -14.55 0.25
CA GLN A 122 5.13 -14.57 -1.18
C GLN A 122 6.39 -14.22 -2.00
N LYS A 123 6.37 -14.55 -3.28
CA LYS A 123 7.48 -14.20 -4.16
C LYS A 123 7.53 -12.70 -4.39
N THR A 124 6.38 -12.07 -4.56
CA THR A 124 6.29 -10.69 -5.00
C THR A 124 5.15 -9.92 -4.37
N GLY A 125 5.29 -8.60 -4.40
CA GLY A 125 4.26 -7.65 -4.04
C GLY A 125 4.00 -6.77 -5.25
N ILE A 126 3.11 -5.81 -5.09
CA ILE A 126 2.80 -4.89 -6.18
C ILE A 126 2.83 -3.47 -5.65
N VAL A 127 3.63 -2.61 -6.27
CA VAL A 127 3.71 -1.20 -5.91
C VAL A 127 3.13 -0.37 -7.06
N SER A 128 2.49 0.75 -6.72
CA SER A 128 1.83 1.58 -7.70
C SER A 128 2.02 3.06 -7.38
N GLY A 129 1.88 3.90 -8.40
CA GLY A 129 1.81 5.34 -8.17
C GLY A 129 2.03 6.21 -9.38
N PHE A 130 2.01 7.52 -9.14
CA PHE A 130 2.17 8.56 -10.15
C PHE A 130 3.58 9.18 -10.16
N GLY A 131 4.52 8.60 -9.44
CA GLY A 131 5.87 9.14 -9.31
C GLY A 131 6.65 9.08 -10.61
N ARG A 132 7.92 9.47 -10.54
CA ARG A 132 8.77 9.53 -11.72
C ARG A 132 8.95 8.16 -12.40
N THR A 133 9.01 8.17 -13.73
CA THR A 133 9.17 6.94 -14.50
C THR A 133 10.65 6.70 -14.85
N HIS A 134 11.48 7.66 -14.47
CA HIS A 134 12.92 7.50 -14.46
C HIS A 134 13.50 8.36 -13.33
N GLU A 135 15.13 8.10 -12.65
CA GLU A 135 15.59 8.84 -11.48
C GLU A 135 15.41 10.35 -11.66
N LYS A 136 15.86 10.88 -12.80
CA LYS A 136 15.91 12.33 -13.05
C LYS A 136 14.69 12.91 -13.78
N GLY A 137 13.64 12.12 -13.93
CA GLY A 137 12.48 12.51 -14.74
C GLY A 137 11.44 13.37 -14.02
N ARG A 138 10.34 13.62 -14.71
CA ARG A 138 9.20 14.36 -14.17
C ARG A 138 8.16 13.38 -13.60
N GLN A 139 7.31 13.88 -12.70
CA GLN A 139 6.18 13.14 -12.13
C GLN A 139 5.32 12.52 -13.25
N SER A 140 4.86 11.28 -13.05
CA SER A 140 4.09 10.58 -14.08
C SER A 140 2.67 11.13 -14.22
N THR A 141 2.20 11.14 -15.47
CA THR A 141 0.84 11.54 -15.78
C THR A 141 -0.13 10.38 -15.59
N ARG A 142 0.32 9.16 -15.88
CA ARG A 142 -0.52 7.96 -15.78
C ARG A 142 -0.19 7.15 -14.54
N LEU A 143 -1.21 6.54 -13.95
CA LEU A 143 -1.02 5.64 -12.82
C LEU A 143 -0.38 4.35 -13.33
N LYS A 144 0.70 3.98 -12.66
CA LYS A 144 1.43 2.77 -13.01
C LYS A 144 1.52 1.83 -11.84
N MET A 145 1.81 0.58 -12.15
CA MET A 145 2.02 -0.48 -11.19
C MET A 145 3.18 -1.35 -11.63
N LEU A 146 3.79 -2.00 -10.65
CA LEU A 146 4.99 -2.80 -10.86
C LEU A 146 4.99 -3.94 -9.86
N GLU A 147 5.21 -5.16 -10.34
CA GLU A 147 5.49 -6.29 -9.45
C GLU A 147 6.93 -6.24 -8.97
N VAL A 148 7.09 -6.30 -7.65
CA VAL A 148 8.40 -6.21 -7.04
C VAL A 148 8.64 -7.44 -6.17
N PRO A 149 9.71 -8.21 -6.47
CA PRO A 149 10.06 -9.31 -5.58
C PRO A 149 10.38 -8.86 -4.15
N TYR A 150 9.93 -9.64 -3.17
CA TYR A 150 10.42 -9.51 -1.81
C TYR A 150 11.93 -9.81 -1.83
N VAL A 151 12.68 -9.11 -0.98
CA VAL A 151 14.14 -9.22 -0.99
C VAL A 151 14.61 -9.70 0.37
N ASP A 152 15.45 -10.74 0.33
CA ASP A 152 16.09 -11.29 1.52
C ASP A 152 16.60 -10.14 2.40
N ARG A 153 16.32 -10.24 3.70
CA ARG A 153 16.58 -9.17 4.63
C ARG A 153 18.08 -8.86 4.80
N ASN A 154 18.92 -9.89 4.77
CA ASN A 154 20.36 -9.70 4.89
C ASN A 154 20.91 -9.13 3.58
N SER A 155 20.44 -9.68 2.47
CA SER A 155 20.77 -9.19 1.14
C SER A 155 20.60 -7.67 1.01
N CYS A 156 19.56 -7.12 1.63
CA CYS A 156 19.31 -5.69 1.47
C CYS A 156 19.91 -4.82 2.59
N LYS A 157 20.19 -5.40 3.75
CA LYS A 157 21.04 -4.72 4.74
C LYS A 157 22.44 -4.50 4.14
N LEU A 158 22.99 -5.53 3.50
CA LEU A 158 24.30 -5.45 2.85
C LEU A 158 24.34 -4.41 1.75
N SER A 159 23.22 -4.23 1.06
CA SER A 159 23.12 -3.34 -0.09
C SER A 159 22.94 -1.88 0.30
N SER A 160 22.48 -1.62 1.52
CA SER A 160 22.08 -0.26 1.92
C SER A 160 23.20 0.55 2.57
N SER A 161 23.29 1.82 2.19
CA SER A 161 24.18 2.78 2.81
C SER A 161 23.61 3.32 4.11
N PHE A 162 22.32 3.09 4.35
CA PHE A 162 21.65 3.52 5.57
C PHE A 162 21.12 2.30 6.32
N ILE A 163 20.94 2.46 7.62
CA ILE A 163 20.45 1.39 8.46
C ILE A 163 19.02 1.01 8.08
N ILE A 164 18.81 -0.29 7.80
CA ILE A 164 17.48 -0.84 7.57
C ILE A 164 16.96 -1.33 8.93
N THR A 165 15.94 -0.67 9.45
CA THR A 165 15.34 -1.05 10.74
C THR A 165 14.31 -2.17 10.54
N GLN A 166 13.82 -2.73 11.65
CA GLN A 166 12.79 -3.79 11.60
C GLN A 166 11.41 -3.28 11.19
N ASN A 167 11.25 -1.95 11.16
CA ASN A 167 10.07 -1.30 10.58
C ASN A 167 10.15 -1.10 9.08
N MET A 168 11.20 -1.61 8.44
CA MET A 168 11.37 -1.52 7.00
C MET A 168 11.54 -2.90 6.40
N PHE A 169 11.26 -3.02 5.10
CA PHE A 169 11.62 -4.18 4.32
C PHE A 169 11.96 -3.76 2.89
N CYS A 170 12.70 -4.62 2.19
CA CYS A 170 13.17 -4.29 0.87
C CYS A 170 12.44 -5.09 -0.19
N ALA A 171 12.20 -4.44 -1.32
CA ALA A 171 11.60 -5.08 -2.47
C ALA A 171 12.16 -4.48 -3.74
N GLY A 172 12.08 -5.24 -4.83
CA GLY A 172 12.53 -4.78 -6.13
C GLY A 172 13.62 -5.68 -6.71
N TYR A 173 14.53 -5.06 -7.45
CA TYR A 173 15.53 -5.81 -8.21
C TYR A 173 16.93 -5.29 -7.97
N ASP A 174 17.89 -6.21 -8.05
CA ASP A 174 19.31 -5.88 -7.92
C ASP A 174 19.74 -5.00 -9.09
N THR A 175 19.58 -5.49 -10.32
CA THR A 175 20.08 -4.78 -11.49
C THR A 175 19.03 -4.41 -12.53
N LYS A 176 17.89 -5.10 -12.50
CA LYS A 176 16.82 -4.84 -13.46
C LYS A 176 16.27 -3.44 -13.21
N GLN A 177 16.01 -2.70 -14.30
CA GLN A 177 15.62 -1.30 -14.22
C GLN A 177 14.12 -1.13 -14.00
N GLU A 178 13.68 -1.58 -12.83
CA GLU A 178 12.30 -1.45 -12.40
C GLU A 178 12.32 -1.18 -10.91
N ASP A 179 11.54 -0.19 -10.48
CA ASP A 179 11.52 0.24 -9.10
C ASP A 179 10.42 1.26 -8.94
N ALA A 180 10.06 1.56 -7.70
CA ALA A 180 9.31 2.76 -7.38
C ALA A 180 10.31 3.91 -7.45
N CYS A 181 9.83 5.13 -7.24
CA CYS A 181 10.70 6.31 -7.32
C CYS A 181 10.05 7.48 -6.60
N GLN A 182 10.74 8.61 -6.55
CA GLN A 182 10.20 9.82 -5.94
C GLN A 182 8.84 10.19 -6.53
N GLY A 183 7.91 10.58 -5.66
CA GLY A 183 6.52 10.83 -6.06
C GLY A 183 5.61 9.64 -5.85
N ASP A 184 6.20 8.44 -5.79
CA ASP A 184 5.49 7.23 -5.39
C ASP A 184 5.43 7.06 -3.86
N SER A 185 6.31 7.76 -3.14
CA SER A 185 6.33 7.67 -1.67
C SER A 185 4.96 7.90 -1.05
N GLY A 186 4.67 7.14 -0.01
CA GLY A 186 3.36 7.16 0.66
C GLY A 186 2.36 6.18 0.09
N GLY A 187 2.63 5.68 -1.12
CA GLY A 187 1.65 4.90 -1.85
C GLY A 187 1.64 3.43 -1.48
N PRO A 188 0.81 2.63 -2.18
CA PRO A 188 0.59 1.23 -1.84
C PRO A 188 1.69 0.25 -2.27
N HIS A 189 2.02 -0.64 -1.35
CA HIS A 189 2.61 -1.93 -1.64
C HIS A 189 1.57 -2.93 -1.15
N VAL A 190 1.01 -3.69 -2.07
CA VAL A 190 0.00 -4.68 -1.72
C VAL A 190 0.46 -6.07 -2.16
N THR A 191 -0.03 -7.08 -1.45
CA THR A 191 0.30 -8.46 -1.80
C THR A 191 -1.00 -9.18 -2.14
N ARG A 192 -0.97 -9.91 -3.24
CA ARG A 192 -2.13 -10.62 -3.74
C ARG A 192 -2.19 -12.00 -3.08
N PHE A 193 -3.36 -12.37 -2.56
CA PHE A 193 -3.59 -13.73 -2.08
C PHE A 193 -4.98 -14.18 -2.48
N LYS A 194 -5.04 -15.22 -3.31
CA LYS A 194 -6.30 -15.70 -3.92
C LYS A 194 -7.16 -14.56 -4.45
N ASP A 195 -6.56 -13.75 -5.31
CA ASP A 195 -7.25 -12.62 -5.98
C ASP A 195 -7.79 -11.58 -5.03
N THR A 196 -7.24 -11.51 -3.83
CA THR A 196 -7.57 -10.46 -2.88
C THR A 196 -6.26 -9.77 -2.49
N TYR A 197 -6.27 -8.44 -2.49
CA TYR A 197 -5.06 -7.64 -2.32
C TYR A 197 -5.02 -7.02 -0.94
N PHE A 198 -3.96 -7.31 -0.20
CA PHE A 198 -3.78 -6.81 1.17
C PHE A 198 -2.65 -5.80 1.23
N VAL A 199 -2.83 -4.75 2.03
CA VAL A 199 -1.77 -3.77 2.12
C VAL A 199 -0.64 -4.32 3.01
N THR A 200 0.56 -4.33 2.44
CA THR A 200 1.73 -4.87 3.10
C THR A 200 2.85 -3.84 3.33
N GLY A 201 2.82 -2.75 2.59
CA GLY A 201 3.88 -1.77 2.69
C GLY A 201 3.45 -0.39 2.28
N ILE A 202 4.23 0.60 2.73
CA ILE A 202 4.08 1.97 2.30
C ILE A 202 5.38 2.34 1.61
N VAL A 203 5.32 2.84 0.37
CA VAL A 203 6.52 3.27 -0.35
C VAL A 203 7.22 4.31 0.53
N SER A 204 8.49 4.07 0.84
CA SER A 204 9.19 4.93 1.80
C SER A 204 10.38 5.68 1.20
N TRP A 205 11.44 4.99 0.85
CA TRP A 205 12.64 5.65 0.33
C TRP A 205 13.52 4.69 -0.46
N GLY A 206 14.51 5.25 -1.15
CA GLY A 206 15.48 4.46 -1.87
C GLY A 206 16.64 5.35 -2.26
N GLU A 207 17.77 4.72 -2.61
CA GLU A 207 19.00 5.44 -2.98
C GLU A 207 19.11 5.55 -4.49
N GLY A 208 18.28 7.24 -5.02
CA GLY A 208 17.88 7.15 -6.41
C GLY A 208 16.79 6.13 -6.65
N CYS A 209 16.67 5.70 -7.90
CA CYS A 209 15.60 4.81 -8.31
C CYS A 209 16.14 3.83 -9.31
N ALA A 210 15.86 2.55 -9.10
CA ALA A 210 16.22 1.51 -10.04
C ALA A 210 17.74 1.33 -10.20
N ARG A 211 18.51 1.73 -9.18
CA ARG A 211 19.97 1.65 -9.26
C ARG A 211 20.46 0.21 -9.11
N LYS A 212 21.57 -0.10 -9.78
CA LYS A 212 22.18 -1.42 -9.62
C LYS A 212 22.67 -1.57 -8.19
N GLY A 213 22.41 -2.75 -7.61
CA GLY A 213 22.82 -3.05 -6.25
C GLY A 213 22.03 -2.35 -5.16
N LYS A 214 20.92 -1.70 -5.53
CA LYS A 214 20.06 -1.03 -4.56
C LYS A 214 18.62 -1.51 -4.73
N TYR A 215 17.87 -1.44 -3.64
CA TYR A 215 16.50 -1.92 -3.62
C TYR A 215 15.57 -0.79 -3.20
N GLY A 216 14.27 -0.97 -3.44
CA GLY A 216 13.27 -0.07 -2.92
C GLY A 216 13.00 -0.42 -1.46
N ILE A 217 12.81 0.61 -0.63
CA ILE A 217 12.59 0.44 0.79
C ILE A 217 11.17 0.87 1.18
N TYR A 218 10.49 0.00 1.92
CA TYR A 218 9.07 0.17 2.27
C TYR A 218 8.87 0.08 3.76
N THR A 219 7.96 0.88 4.30
CA THR A 219 7.52 0.69 5.69
C THR A 219 6.74 -0.63 5.81
N LYS A 220 7.16 -1.46 6.76
CA LYS A 220 6.49 -2.73 7.11
C LYS A 220 5.18 -2.49 7.87
N VAL A 221 4.08 -2.60 7.14
CA VAL A 221 2.73 -2.35 7.68
C VAL A 221 2.39 -3.29 8.85
N THR A 222 2.84 -4.54 8.77
CA THR A 222 2.61 -5.52 9.83
C THR A 222 3.16 -5.06 11.18
N ALA A 223 4.25 -4.28 11.16
CA ALA A 223 4.79 -3.69 12.39
C ALA A 223 3.88 -2.62 13.01
N PHE A 224 2.89 -2.14 12.26
CA PHE A 224 2.05 -1.02 12.67
C PHE A 224 0.55 -1.28 12.69
N LEU A 225 0.16 -2.55 12.59
CA LEU A 225 -1.26 -2.89 12.49
C LEU A 225 -2.06 -2.41 13.69
N LYS A 226 -1.47 -2.52 14.87
CA LYS A 226 -2.14 -2.07 16.09
C LYS A 226 -2.20 -0.54 16.15
N TRP A 227 -1.16 0.11 15.64
CA TRP A 227 -1.10 1.56 15.60
C TRP A 227 -2.12 2.09 14.59
N ILE A 228 -2.23 1.41 13.44
CA ILE A 228 -3.21 1.79 12.42
C ILE A 228 -4.64 1.66 12.96
N ASP A 229 -4.93 0.52 13.61
CA ASP A 229 -6.25 0.27 14.17
C ASP A 229 -6.65 1.34 15.17
N ARG A 230 -5.72 1.68 16.05
CA ARG A 230 -5.90 2.73 17.05
C ARG A 230 -6.15 4.07 16.38
N SER A 231 -5.39 4.37 15.33
CA SER A 231 -5.56 5.64 14.60
C SER A 231 -6.92 5.75 13.93
N MET A 232 -7.46 4.62 13.46
CA MET A 232 -8.76 4.61 12.78
C MET A 232 -9.96 4.67 13.74
N LYS A 233 -9.74 4.43 15.04
CA LYS A 233 -10.82 4.48 16.05
C LYS A 233 -10.66 5.68 16.97
N THR A 234 -9.44 5.85 17.48
CA THR A 234 -9.05 7.03 18.26
C THR A 234 -7.87 7.73 17.59
N LEU B 1 -1.85 -28.04 8.79
CA LEU B 1 -2.96 -27.12 9.19
C LEU B 1 -2.89 -25.82 8.37
N CYS B 2 -2.58 -24.69 9.01
CA CYS B 2 -2.44 -23.44 8.27
C CYS B 2 -1.19 -23.45 7.39
N SER B 3 -0.25 -24.36 7.68
CA SER B 3 0.94 -24.55 6.86
C SER B 3 0.62 -25.28 5.55
N LEU B 4 -0.53 -25.94 5.50
CA LEU B 4 -0.97 -26.68 4.32
C LEU B 4 -1.96 -25.83 3.52
N ASP B 5 -1.46 -25.15 2.49
CA ASP B 5 -2.27 -24.35 1.57
C ASP B 5 -3.22 -23.42 2.34
N ASN B 6 -2.67 -22.72 3.34
CA ASN B 6 -3.41 -21.75 4.15
C ASN B 6 -4.63 -22.34 4.88
N GLY B 7 -4.58 -23.63 5.19
CA GLY B 7 -5.70 -24.34 5.83
C GLY B 7 -6.98 -24.41 5.00
N ASP B 8 -6.86 -24.12 3.70
CA ASP B 8 -8.01 -24.04 2.79
C ASP B 8 -8.87 -22.79 3.01
N CYS B 9 -8.38 -21.83 3.80
CA CYS B 9 -9.11 -20.59 4.04
C CYS B 9 -8.95 -19.64 2.85
N ASP B 10 -9.93 -18.76 2.63
CA ASP B 10 -9.79 -17.69 1.63
C ASP B 10 -8.83 -16.59 2.06
N GLN B 11 -8.87 -16.28 3.36
CA GLN B 11 -8.10 -15.19 3.93
C GLN B 11 -7.36 -15.68 5.18
N PHE B 12 -7.68 -15.14 6.36
CA PHE B 12 -6.90 -15.44 7.56
C PHE B 12 -7.06 -16.87 8.05
N CYS B 13 -5.96 -17.41 8.55
CA CYS B 13 -5.93 -18.78 9.06
C CYS B 13 -5.25 -18.77 10.43
N HIS B 14 -5.90 -19.38 11.42
CA HIS B 14 -5.31 -19.59 12.73
C HIS B 14 -5.46 -21.05 13.12
N GLU B 15 -4.51 -21.54 13.90
CA GLU B 15 -4.57 -22.90 14.39
C GLU B 15 -5.00 -22.84 15.85
N GLU B 16 -6.24 -23.23 16.13
CA GLU B 16 -6.76 -23.25 17.50
C GLU B 16 -7.03 -24.67 17.91
N GLN B 17 -6.38 -25.10 18.99
CA GLN B 17 -6.52 -26.46 19.51
C GLN B 17 -6.10 -27.48 18.45
N ASN B 18 -5.05 -27.13 17.71
CA ASN B 18 -4.52 -27.96 16.61
C ASN B 18 -5.54 -28.23 15.51
N SER B 19 -6.42 -27.27 15.29
CA SER B 19 -7.37 -27.31 14.17
C SER B 19 -7.43 -25.94 13.52
N VAL B 20 -7.75 -25.91 12.22
CA VAL B 20 -7.79 -24.67 11.47
C VAL B 20 -9.05 -23.86 11.78
N VAL B 21 -8.87 -22.56 11.99
CA VAL B 21 -9.98 -21.62 12.08
C VAL B 21 -9.73 -20.48 11.07
N CYS B 22 -10.64 -20.34 10.13
CA CYS B 22 -10.54 -19.29 9.13
C CYS B 22 -11.32 -18.06 9.55
N SER B 23 -10.83 -16.90 9.14
CA SER B 23 -11.58 -15.65 9.32
C SER B 23 -11.32 -14.71 8.13
N CYS B 24 -11.96 -13.55 8.12
CA CYS B 24 -11.99 -12.67 6.95
C CYS B 24 -11.79 -11.23 7.38
N ALA B 25 -11.32 -10.41 6.46
CA ALA B 25 -11.18 -8.97 6.71
C ALA B 25 -12.55 -8.32 6.84
N ARG B 26 -12.54 -7.07 7.29
CA ARG B 26 -13.77 -6.28 7.45
C ARG B 26 -14.48 -6.13 6.11
N GLY B 27 -15.80 -6.28 6.13
CA GLY B 27 -16.63 -6.19 4.93
C GLY B 27 -16.82 -7.52 4.22
N TYR B 28 -16.29 -8.58 4.82
CA TYR B 28 -16.56 -9.94 4.40
C TYR B 28 -17.18 -10.71 5.55
N THR B 29 -17.96 -11.72 5.20
CA THR B 29 -18.52 -12.63 6.20
C THR B 29 -18.06 -14.04 5.85
N LEU B 30 -17.83 -14.84 6.89
CA LEU B 30 -17.35 -16.21 6.70
C LEU B 30 -18.50 -17.08 6.20
N ALA B 31 -18.27 -17.79 5.10
CA ALA B 31 -19.29 -18.62 4.48
C ALA B 31 -19.71 -19.77 5.40
N ASP B 32 -20.75 -20.51 4.99
CA ASP B 32 -21.26 -21.65 5.78
C ASP B 32 -20.21 -22.74 5.95
N ASN B 33 -19.38 -22.95 4.93
CA ASN B 33 -18.31 -23.94 5.01
C ASN B 33 -17.15 -23.55 5.92
N GLY B 34 -17.22 -22.34 6.51
CA GLY B 34 -16.21 -21.88 7.45
C GLY B 34 -14.84 -21.60 6.86
N LYS B 35 -14.78 -21.41 5.54
CA LYS B 35 -13.53 -21.27 4.79
C LYS B 35 -13.55 -20.08 3.83
N ALA B 36 -14.60 -20.01 3.01
CA ALA B 36 -14.77 -18.90 2.05
C ALA B 36 -15.16 -17.61 2.76
N CYS B 37 -14.72 -16.49 2.18
CA CYS B 37 -15.09 -15.16 2.63
C CYS B 37 -16.02 -14.52 1.60
N ILE B 38 -17.23 -14.16 2.04
CA ILE B 38 -18.27 -13.60 1.18
C ILE B 38 -18.34 -12.08 1.36
N PRO B 39 -18.19 -11.32 0.26
CA PRO B 39 -18.36 -9.86 0.34
C PRO B 39 -19.75 -9.47 0.82
N THR B 40 -19.80 -8.54 1.75
CA THR B 40 -21.04 -8.07 2.36
C THR B 40 -21.57 -6.88 1.57
N PRO B 42 -21.32 -3.90 -2.09
CA PRO B 42 -20.30 -4.00 -3.10
C PRO B 42 -19.04 -3.24 -2.69
N TYR B 43 -18.04 -3.35 -3.56
CA TYR B 43 -16.73 -2.77 -3.36
C TYR B 43 -16.09 -3.25 -2.04
N PRO B 44 -15.95 -4.59 -1.90
CA PRO B 44 -15.23 -5.15 -0.76
C PRO B 44 -13.73 -4.84 -0.85
N CYS B 45 -13.04 -4.78 0.28
CA CYS B 45 -11.62 -4.44 0.27
C CYS B 45 -10.82 -5.45 -0.52
N GLY B 46 -9.77 -4.99 -1.16
CA GLY B 46 -8.83 -5.90 -1.81
C GLY B 46 -9.26 -6.51 -3.14
N LYS B 47 -10.39 -6.08 -3.67
CA LYS B 47 -10.83 -6.56 -5.00
C LYS B 47 -10.70 -5.45 -6.03
N GLN B 48 -10.10 -5.79 -7.16
CA GLN B 48 -10.04 -4.89 -8.31
C GLN B 48 -11.47 -4.71 -8.81
N THR B 49 -11.80 -3.53 -9.30
CA THR B 49 -13.18 -3.19 -9.60
C THR B 49 -13.51 -3.51 -11.05
N LEU B 50 -14.61 -4.22 -11.26
CA LEU B 50 -15.06 -4.58 -12.61
C LEU B 50 -16.12 -3.59 -13.11
N GLU B 51 -17.01 -3.16 -12.22
CA GLU B 51 -17.96 -2.07 -12.51
C GLU B 51 -17.86 -0.97 -11.45
CA CA C . -8.04 12.16 -14.63
F2 L1C D . 18.86 12.08 -9.28
C14 L1C D . 18.25 11.62 -8.17
C15 L1C D . 16.87 11.68 -8.04
C16 L1C D . 16.25 11.18 -6.89
F1 L1C D . 14.91 11.26 -6.81
C17 L1C D . 17.01 10.64 -5.85
C18 L1C D . 18.40 10.59 -6.01
C13 L1C D . 19.02 11.08 -7.16
C8 L1C D . 16.40 10.09 -4.57
O3 L1C D . 17.41 9.51 -3.75
C11 L1C D . 15.40 8.98 -4.80
N2 L1C D . 14.43 9.08 -3.72
C12 L1C D . 13.51 8.14 -3.41
O2 L1C D . 12.76 8.32 -2.46
N3 L1C D . 13.54 6.96 -4.05
C2 L1C D . 12.81 5.85 -3.76
C7 L1C D . 13.06 4.69 -4.48
C6 L1C D . 12.32 3.53 -4.24
C5 L1C D . 11.31 3.54 -3.28
CL1 L1C D . 10.37 2.08 -2.92
C4 L1C D . 11.05 4.69 -2.56
C3 L1C D . 11.77 5.83 -2.80
C10 L1C D . 14.55 10.38 -3.05
C9 L1C D . 15.66 11.14 -3.78
C1 L1C D . 14.85 10.25 -1.57
O1 L1C D . 14.25 10.99 -0.82
N1 L1C D . 15.72 9.32 -1.16
C26 L1C D . 16.08 9.05 0.14
C27 L1C D . 15.57 9.72 1.25
C28 L1C D . 15.99 9.38 2.52
C29 L1C D . 16.93 8.38 2.72
C30 L1C D . 17.43 7.73 1.58
N6 L1C D . 17.00 8.07 0.35
N4 L1C D . 17.32 8.07 3.98
C24 L1C D . 17.15 6.82 4.43
C23 L1C D . 17.51 6.44 5.73
C19 L1C D . 18.06 7.39 6.58
C21 L1C D . 18.24 8.69 6.13
C20 L1C D . 17.87 9.04 4.84
O4 L1C D . 18.02 10.22 4.45
#